data_3P7Z
#
_entry.id   3P7Z
#
_cell.length_a   113.061
_cell.length_b   113.061
_cell.length_c   124.612
_cell.angle_alpha   90.00
_cell.angle_beta   90.00
_cell.angle_gamma   90.00
#
_symmetry.space_group_name_H-M   'P 41 21 2'
#
loop_
_entity.id
_entity.type
_entity.pdbx_description
1 polymer Neurofibromin
2 non-polymer '(1S)-2-{[(2-AMINOETHOXY)(HYDROXY)PHOSPHORYL]OXY}-1-[(PALMITOYLOXY)METHYL]ETHYL STEARATE'
3 non-polymer 'SODIUM ION'
4 non-polymer 'PYROPHOSPHATE 2-'
5 water water
#
_entity_poly.entity_id   1
_entity_poly.type   'polypeptide(L)'
_entity_poly.pdbx_seq_one_letter_code
;GAMGSSKFEEFMTRHQVHEKEEFKALKTLSIFYQAGTSKAGNPVFYYVARRFKTGQINGDLLIYHVLLTLKPYYAKPYEI
VVDLTHTGPSNRFKTDFLSKWFVVFPGFAYDNVSAVYIYNCNSWVREYTKYHERLLTGLKGSKRLVFIDCPGKLAEHIEH
EQQKLPAATLALEEDLKVFHNALKLAHKDTKVSIKVGSTAVQVTSAERTKVLGQSVFLNDIYYASEIEEICLVDENQFTL
TIANQGTPLTFMHQECEAIVQSIIHIRTRWELSQPD
;
_entity_poly.pdbx_strand_id   A,B
#
loop_
_chem_comp.id
_chem_comp.type
_chem_comp.name
_chem_comp.formula
NA non-polymer 'SODIUM ION' 'Na 1'
PEV non-polymer '(1S)-2-{[(2-AMINOETHOXY)(HYDROXY)PHOSPHORYL]OXY}-1-[(PALMITOYLOXY)METHYL]ETHYL STEARATE' 'C39 H78 N O8 P'
POP non-polymer 'PYROPHOSPHATE 2-' 'H2 O7 P2 -2'
#
# COMPACT_ATOMS: atom_id res chain seq x y z
N LYS A 7 21.33 -16.20 -31.93
CA LYS A 7 21.49 -14.91 -32.57
C LYS A 7 22.60 -14.09 -31.93
N PHE A 8 23.68 -13.86 -32.68
CA PHE A 8 24.77 -13.01 -32.21
C PHE A 8 24.61 -11.57 -32.69
N GLU A 9 23.48 -11.29 -33.35
CA GLU A 9 23.17 -9.94 -33.75
C GLU A 9 22.74 -9.12 -32.55
N GLU A 10 22.02 -9.78 -31.64
CA GLU A 10 21.60 -9.13 -30.40
C GLU A 10 22.80 -9.04 -29.47
N PHE A 11 23.68 -10.02 -29.56
CA PHE A 11 24.94 -10.01 -28.83
C PHE A 11 25.80 -8.85 -29.31
N MET A 12 25.72 -8.58 -30.62
CA MET A 12 26.46 -7.49 -31.23
C MET A 12 25.79 -6.14 -30.99
N THR A 13 24.54 -6.03 -31.43
CA THR A 13 23.79 -4.79 -31.32
C THR A 13 23.75 -4.28 -29.88
N ARG A 14 23.76 -5.20 -28.93
CA ARG A 14 23.65 -4.82 -27.53
C ARG A 14 25.02 -4.44 -26.96
N HIS A 15 26.08 -4.91 -27.61
CA HIS A 15 27.45 -4.64 -27.16
C HIS A 15 27.99 -3.33 -27.73
N GLN A 16 27.42 -2.88 -28.84
CA GLN A 16 27.89 -1.65 -29.48
C GLN A 16 27.40 -0.41 -28.74
N VAL A 17 26.28 -0.54 -28.04
CA VAL A 17 25.78 0.54 -27.18
C VAL A 17 26.04 0.19 -25.72
N HIS A 18 25.68 -1.04 -25.34
CA HIS A 18 26.00 -1.62 -24.04
C HIS A 18 24.94 -1.38 -22.96
N GLU A 19 25.37 -1.18 -21.72
CA GLU A 19 24.45 -1.24 -20.58
C GLU A 19 24.48 -0.01 -19.67
N LYS A 20 25.03 1.09 -20.18
CA LYS A 20 25.32 2.27 -19.36
C LYS A 20 24.37 2.49 -18.17
N GLU A 21 23.11 2.80 -18.46
CA GLU A 21 22.18 3.20 -17.41
C GLU A 21 21.08 2.18 -17.06
N GLU A 22 19.87 2.44 -17.57
CA GLU A 22 18.68 1.70 -17.18
C GLU A 22 18.90 0.21 -16.98
N PHE A 23 19.77 -0.38 -17.80
CA PHE A 23 20.06 -1.81 -17.74
C PHE A 23 20.46 -2.26 -16.33
N LYS A 24 21.21 -1.43 -15.63
CA LYS A 24 21.70 -1.77 -14.30
C LYS A 24 20.58 -1.80 -13.25
N ALA A 25 19.43 -1.23 -13.62
CA ALA A 25 18.29 -1.20 -12.71
C ALA A 25 17.49 -2.49 -12.80
N LEU A 26 17.71 -3.25 -13.86
CA LEU A 26 17.02 -4.52 -14.06
C LEU A 26 17.45 -5.56 -13.02
N LYS A 27 18.61 -5.33 -12.42
CA LYS A 27 19.12 -6.22 -11.39
C LYS A 27 18.58 -5.83 -10.02
N THR A 28 18.19 -4.57 -9.89
CA THR A 28 17.68 -4.04 -8.63
C THR A 28 16.25 -4.51 -8.37
N LEU A 29 15.49 -4.75 -9.44
CA LEU A 29 14.12 -5.23 -9.31
C LEU A 29 14.02 -6.75 -9.42
N SER A 30 15.16 -7.38 -9.71
CA SER A 30 15.25 -8.85 -9.76
C SER A 30 14.03 -9.52 -10.37
N ILE A 31 13.92 -9.45 -11.70
CA ILE A 31 12.85 -10.15 -12.41
C ILE A 31 13.31 -11.55 -12.80
N PHE A 32 14.60 -11.67 -13.12
CA PHE A 32 15.18 -12.95 -13.51
C PHE A 32 16.53 -13.13 -12.83
N TYR A 33 16.65 -14.19 -12.04
CA TYR A 33 17.87 -14.42 -11.25
C TYR A 33 18.17 -15.91 -11.06
N GLN A 34 19.45 -16.23 -10.91
CA GLN A 34 19.86 -17.59 -10.62
C GLN A 34 19.84 -17.83 -9.11
N ALA A 35 19.34 -18.98 -8.70
CA ALA A 35 19.24 -19.31 -7.28
C ALA A 35 19.04 -20.80 -7.03
N GLY A 36 19.86 -21.35 -6.14
CA GLY A 36 19.71 -22.74 -5.72
C GLY A 36 20.10 -23.76 -6.77
N THR A 37 19.95 -25.04 -6.41
CA THR A 37 20.26 -26.14 -7.32
C THR A 37 19.22 -27.23 -7.22
N SER A 38 18.73 -27.69 -8.37
CA SER A 38 17.69 -28.71 -8.40
C SER A 38 18.22 -30.07 -7.94
N LYS A 39 17.29 -30.97 -7.64
CA LYS A 39 17.65 -32.32 -7.21
C LYS A 39 18.38 -33.06 -8.32
N ALA A 40 18.11 -32.65 -9.56
CA ALA A 40 18.77 -33.24 -10.72
C ALA A 40 20.25 -32.87 -10.73
N GLY A 41 20.57 -31.73 -10.13
CA GLY A 41 21.93 -31.23 -10.08
C GLY A 41 22.17 -30.11 -11.08
N ASN A 42 21.17 -29.25 -11.23
CA ASN A 42 21.25 -28.16 -12.21
C ASN A 42 21.01 -26.79 -11.59
N PRO A 43 21.64 -25.75 -12.16
CA PRO A 43 21.41 -24.37 -11.71
C PRO A 43 19.98 -23.95 -11.99
N VAL A 44 19.29 -23.45 -10.97
CA VAL A 44 17.90 -23.02 -11.12
C VAL A 44 17.80 -21.52 -11.35
N PHE A 45 16.95 -21.12 -12.29
CA PHE A 45 16.74 -19.70 -12.57
C PHE A 45 15.27 -19.36 -12.34
N TYR A 46 15.00 -18.12 -11.97
CA TYR A 46 13.64 -17.69 -11.65
C TYR A 46 13.21 -16.51 -12.50
N TYR A 47 11.98 -16.58 -13.00
CA TYR A 47 11.37 -15.44 -13.69
C TYR A 47 10.07 -15.04 -13.00
N VAL A 48 10.11 -13.91 -12.30
CA VAL A 48 8.92 -13.39 -11.62
C VAL A 48 8.11 -12.54 -12.60
N ALA A 49 7.12 -13.17 -13.21
CA ALA A 49 6.34 -12.52 -14.28
C ALA A 49 5.70 -11.20 -13.86
N ARG A 50 5.18 -11.15 -12.64
CA ARG A 50 4.53 -9.94 -12.15
C ARG A 50 5.52 -8.78 -12.06
N ARG A 51 6.80 -9.11 -11.92
CA ARG A 51 7.82 -8.09 -11.71
C ARG A 51 8.08 -7.26 -12.96
N PHE A 52 7.76 -7.84 -14.12
CA PHE A 52 7.91 -7.15 -15.39
C PHE A 52 6.66 -6.36 -15.76
N LYS A 53 6.83 -5.07 -16.04
CA LYS A 53 5.72 -4.20 -16.39
C LYS A 53 5.82 -3.75 -17.85
N THR A 54 5.02 -4.35 -18.71
CA THR A 54 5.01 -4.02 -20.14
C THR A 54 4.76 -2.54 -20.37
N GLY A 55 5.73 -1.87 -20.97
CA GLY A 55 5.61 -0.45 -21.27
C GLY A 55 6.58 0.38 -20.45
N GLN A 56 6.85 -0.07 -19.23
CA GLN A 56 7.74 0.64 -18.33
C GLN A 56 9.18 0.15 -18.49
N ILE A 57 9.34 -1.13 -18.79
CA ILE A 57 10.67 -1.73 -18.91
C ILE A 57 10.97 -2.11 -20.36
N ASN A 58 12.11 -1.66 -20.86
CA ASN A 58 12.53 -1.98 -22.22
C ASN A 58 12.75 -3.47 -22.40
N GLY A 59 12.04 -4.07 -23.35
CA GLY A 59 12.13 -5.49 -23.60
C GLY A 59 13.52 -5.95 -23.98
N ASP A 60 14.14 -5.24 -24.91
CA ASP A 60 15.49 -5.58 -25.38
C ASP A 60 16.49 -5.58 -24.24
N LEU A 61 16.32 -4.65 -23.30
CA LEU A 61 17.19 -4.58 -22.13
C LEU A 61 16.95 -5.79 -21.22
N LEU A 62 15.68 -6.19 -21.11
CA LEU A 62 15.32 -7.35 -20.31
C LEU A 62 15.94 -8.62 -20.89
N ILE A 63 15.71 -8.84 -22.19
CA ILE A 63 16.28 -9.99 -22.88
C ILE A 63 17.80 -9.98 -22.77
N TYR A 64 18.39 -8.80 -22.84
CA TYR A 64 19.84 -8.66 -22.70
C TYR A 64 20.28 -9.06 -21.29
N HIS A 65 19.51 -8.64 -20.30
CA HIS A 65 19.75 -9.04 -18.92
C HIS A 65 19.74 -10.56 -18.83
N VAL A 66 18.58 -11.16 -19.10
CA VAL A 66 18.43 -12.62 -19.06
C VAL A 66 19.56 -13.31 -19.81
N LEU A 67 19.91 -12.77 -20.98
CA LEU A 67 20.96 -13.36 -21.81
C LEU A 67 22.27 -13.43 -21.07
N LEU A 68 22.57 -12.39 -20.30
CA LEU A 68 23.82 -12.31 -19.56
C LEU A 68 23.83 -13.24 -18.33
N THR A 69 22.78 -13.18 -17.54
CA THR A 69 22.67 -14.03 -16.34
C THR A 69 22.47 -15.50 -16.69
N LEU A 70 22.36 -15.80 -17.98
CA LEU A 70 22.20 -17.18 -18.43
C LEU A 70 23.45 -17.69 -19.14
N LYS A 71 24.13 -16.79 -19.84
CA LYS A 71 25.30 -17.14 -20.65
C LYS A 71 26.28 -18.09 -19.95
N PRO A 72 26.67 -17.78 -18.70
CA PRO A 72 27.66 -18.61 -18.01
C PRO A 72 27.20 -20.05 -17.77
N TYR A 73 25.91 -20.33 -18.02
CA TYR A 73 25.34 -21.63 -17.66
C TYR A 73 24.69 -22.39 -18.82
N TYR A 74 23.99 -21.68 -19.70
CA TYR A 74 23.19 -22.33 -20.74
C TYR A 74 23.99 -23.25 -21.68
N ALA A 75 25.31 -23.29 -21.50
CA ALA A 75 26.13 -24.23 -22.25
C ALA A 75 25.91 -25.64 -21.69
N LYS A 76 25.49 -25.68 -20.43
CA LYS A 76 25.16 -26.94 -19.76
C LYS A 76 23.69 -26.92 -19.35
N PRO A 77 23.15 -28.10 -19.00
CA PRO A 77 21.74 -28.22 -18.60
C PRO A 77 21.38 -27.31 -17.43
N TYR A 78 20.17 -26.78 -17.45
CA TYR A 78 19.69 -25.92 -16.37
C TYR A 78 18.16 -25.90 -16.36
N GLU A 79 17.58 -25.47 -15.24
CA GLU A 79 16.13 -25.47 -15.10
C GLU A 79 15.59 -24.08 -14.74
N ILE A 80 14.34 -23.83 -15.16
CA ILE A 80 13.73 -22.52 -14.95
C ILE A 80 12.43 -22.63 -14.14
N VAL A 81 12.33 -21.81 -13.09
CA VAL A 81 11.10 -21.72 -12.33
C VAL A 81 10.40 -20.39 -12.62
N VAL A 82 9.29 -20.46 -13.36
CA VAL A 82 8.54 -19.26 -13.71
C VAL A 82 7.40 -19.01 -12.74
N ASP A 83 7.53 -17.96 -11.94
CA ASP A 83 6.52 -17.59 -10.97
C ASP A 83 5.43 -16.73 -11.60
N LEU A 84 4.29 -17.34 -11.90
CA LEU A 84 3.19 -16.63 -12.54
C LEU A 84 2.21 -16.03 -11.52
N THR A 85 2.68 -15.87 -10.29
CA THR A 85 1.84 -15.33 -9.22
C THR A 85 1.29 -13.96 -9.57
N HIS A 86 -0.03 -13.83 -9.51
CA HIS A 86 -0.70 -12.55 -9.73
C HIS A 86 -0.30 -11.90 -11.05
N THR A 87 0.00 -12.73 -12.05
CA THR A 87 0.36 -12.22 -13.37
C THR A 87 -0.86 -11.79 -14.18
N GLY A 88 -0.81 -10.59 -14.74
CA GLY A 88 -1.92 -10.06 -15.51
C GLY A 88 -1.51 -9.29 -16.75
N PRO A 89 -2.47 -8.56 -17.35
CA PRO A 89 -2.27 -7.81 -18.60
C PRO A 89 -1.08 -6.86 -18.55
N SER A 90 -0.85 -6.21 -17.41
CA SER A 90 0.26 -5.26 -17.29
C SER A 90 1.61 -5.96 -17.13
N ASN A 91 1.61 -7.27 -17.33
CA ASN A 91 2.85 -8.05 -17.25
C ASN A 91 3.08 -8.83 -18.55
N ARG A 92 2.17 -8.64 -19.50
CA ARG A 92 2.17 -9.41 -20.74
C ARG A 92 3.38 -9.12 -21.63
N PHE A 93 3.70 -10.08 -22.49
CA PHE A 93 4.66 -9.86 -23.56
C PHE A 93 3.88 -9.56 -24.84
N LYS A 94 4.10 -8.38 -25.41
CA LYS A 94 3.47 -8.06 -26.68
C LYS A 94 3.91 -9.07 -27.74
N THR A 95 3.03 -9.34 -28.71
CA THR A 95 3.30 -10.35 -29.72
C THR A 95 4.71 -10.26 -30.29
N ASP A 96 5.09 -9.08 -30.75
CA ASP A 96 6.39 -8.87 -31.38
C ASP A 96 7.54 -9.06 -30.41
N PHE A 97 7.27 -8.84 -29.12
CA PHE A 97 8.29 -9.06 -28.09
C PHE A 97 8.37 -10.54 -27.73
N LEU A 98 7.21 -11.18 -27.63
CA LEU A 98 7.13 -12.60 -27.34
C LEU A 98 7.92 -13.42 -28.37
N SER A 99 7.70 -13.11 -29.64
CA SER A 99 8.35 -13.83 -30.73
C SER A 99 9.87 -13.68 -30.67
N LYS A 100 10.34 -12.52 -30.21
CA LYS A 100 11.77 -12.23 -30.13
C LYS A 100 12.48 -13.19 -29.19
N TRP A 101 11.73 -13.77 -28.26
CA TRP A 101 12.31 -14.68 -27.28
C TRP A 101 12.68 -16.04 -27.87
N PHE A 102 12.05 -16.41 -28.98
CA PHE A 102 12.24 -17.73 -29.56
C PHE A 102 13.40 -17.81 -30.56
N VAL A 103 14.04 -16.67 -30.82
CA VAL A 103 15.08 -16.61 -31.84
C VAL A 103 16.38 -15.97 -31.35
N VAL A 104 16.27 -15.11 -30.35
CA VAL A 104 17.42 -14.34 -29.87
C VAL A 104 18.50 -15.20 -29.22
N PHE A 105 18.10 -16.30 -28.58
CA PHE A 105 19.05 -17.17 -27.89
C PHE A 105 19.62 -18.23 -28.81
N PRO A 106 20.83 -18.72 -28.48
CA PRO A 106 21.47 -19.80 -29.25
C PRO A 106 20.67 -21.09 -29.18
N GLY A 107 20.76 -21.90 -30.24
CA GLY A 107 20.03 -23.16 -30.31
C GLY A 107 20.25 -24.03 -29.09
N PHE A 108 21.51 -24.30 -28.76
CA PHE A 108 21.84 -25.15 -27.62
C PHE A 108 21.29 -24.58 -26.32
N ALA A 109 21.24 -23.25 -26.23
CA ALA A 109 20.74 -22.59 -25.03
C ALA A 109 19.30 -23.02 -24.73
N TYR A 110 18.53 -23.21 -25.79
CA TYR A 110 17.13 -23.65 -25.65
C TYR A 110 17.08 -25.12 -25.25
N ASP A 111 17.79 -25.95 -26.00
CA ASP A 111 17.78 -27.39 -25.79
C ASP A 111 18.28 -27.78 -24.40
N ASN A 112 19.14 -26.95 -23.82
CA ASN A 112 19.75 -27.26 -22.53
C ASN A 112 18.85 -27.04 -21.32
N VAL A 113 17.65 -26.51 -21.56
CA VAL A 113 16.69 -26.30 -20.48
C VAL A 113 16.08 -27.63 -20.07
N SER A 114 16.61 -28.20 -18.99
CA SER A 114 16.17 -29.50 -18.50
C SER A 114 14.66 -29.54 -18.24
N ALA A 115 14.16 -28.52 -17.54
CA ALA A 115 12.74 -28.45 -17.22
C ALA A 115 12.34 -27.06 -16.73
N VAL A 116 11.13 -26.65 -17.10
CA VAL A 116 10.57 -25.38 -16.65
C VAL A 116 9.41 -25.62 -15.69
N TYR A 117 9.53 -25.08 -14.48
CA TYR A 117 8.51 -25.29 -13.45
C TYR A 117 7.59 -24.08 -13.34
N ILE A 118 6.34 -24.28 -13.73
CA ILE A 118 5.35 -23.21 -13.72
C ILE A 118 4.62 -23.13 -12.40
N TYR A 119 4.70 -21.97 -11.75
CA TYR A 119 4.16 -21.80 -10.40
C TYR A 119 3.00 -20.82 -10.38
N ASN A 120 1.88 -21.25 -9.81
CA ASN A 120 0.71 -20.39 -9.70
C ASN A 120 0.21 -19.85 -11.03
N CYS A 121 -0.08 -20.74 -11.97
CA CYS A 121 -0.68 -20.35 -13.24
C CYS A 121 -2.13 -19.95 -12.99
N ASN A 122 -2.54 -18.81 -13.55
CA ASN A 122 -3.88 -18.30 -13.31
C ASN A 122 -4.78 -18.31 -14.55
N SER A 123 -6.00 -17.81 -14.40
CA SER A 123 -6.95 -17.80 -15.49
C SER A 123 -6.50 -16.93 -16.65
N TRP A 124 -5.99 -15.73 -16.34
CA TRP A 124 -5.56 -14.80 -17.37
C TRP A 124 -4.43 -15.36 -18.23
N VAL A 125 -3.38 -15.87 -17.60
CA VAL A 125 -2.24 -16.43 -18.33
C VAL A 125 -2.72 -17.52 -19.28
N ARG A 126 -3.66 -18.32 -18.82
CA ARG A 126 -4.26 -19.36 -19.65
C ARG A 126 -4.90 -18.77 -20.90
N GLU A 127 -5.61 -17.66 -20.71
CA GLU A 127 -6.26 -16.98 -21.81
C GLU A 127 -5.23 -16.34 -22.74
N TYR A 128 -4.20 -15.74 -22.14
CA TYR A 128 -3.07 -15.21 -22.89
C TYR A 128 -2.46 -16.31 -23.74
N THR A 129 -2.32 -17.50 -23.14
CA THR A 129 -1.79 -18.65 -23.85
C THR A 129 -2.69 -19.03 -25.03
N LYS A 130 -4.00 -19.06 -24.81
CA LYS A 130 -4.95 -19.40 -25.86
C LYS A 130 -4.94 -18.33 -26.94
N TYR A 131 -4.75 -17.08 -26.52
CA TYR A 131 -4.77 -15.96 -27.45
C TYR A 131 -3.53 -15.93 -28.33
N HIS A 132 -2.39 -16.33 -27.77
CA HIS A 132 -1.13 -16.37 -28.51
C HIS A 132 -0.75 -17.79 -28.90
N GLU A 133 -1.75 -18.62 -29.18
CA GLU A 133 -1.52 -20.03 -29.50
C GLU A 133 -0.56 -20.19 -30.69
N ARG A 134 -0.60 -19.25 -31.62
CA ARG A 134 0.19 -19.33 -32.83
C ARG A 134 1.69 -19.40 -32.54
N LEU A 135 2.15 -18.55 -31.63
CA LEU A 135 3.58 -18.47 -31.31
C LEU A 135 4.00 -19.46 -30.22
N LEU A 136 3.03 -20.03 -29.53
CA LEU A 136 3.29 -20.95 -28.42
C LEU A 136 3.00 -22.40 -28.80
N THR A 137 2.97 -22.70 -30.10
CA THR A 137 2.62 -24.03 -30.57
C THR A 137 3.67 -25.07 -30.19
N GLY A 138 4.93 -24.65 -30.17
CA GLY A 138 6.03 -25.55 -29.83
C GLY A 138 5.99 -25.96 -28.38
N LEU A 139 5.30 -25.18 -27.56
CA LEU A 139 5.20 -25.45 -26.14
C LEU A 139 4.06 -26.40 -25.83
N LYS A 140 3.06 -26.42 -26.71
CA LYS A 140 1.91 -27.30 -26.54
C LYS A 140 2.34 -28.78 -26.50
N GLY A 141 2.07 -29.42 -25.38
CA GLY A 141 2.37 -30.84 -25.23
C GLY A 141 3.76 -31.10 -24.67
N SER A 142 4.63 -30.11 -24.79
CA SER A 142 6.00 -30.20 -24.28
C SER A 142 6.00 -30.75 -22.85
N LYS A 143 6.88 -31.72 -22.60
CA LYS A 143 6.95 -32.35 -21.28
C LYS A 143 7.98 -31.68 -20.39
N ARG A 144 8.81 -30.82 -20.99
CA ARG A 144 9.77 -30.04 -20.23
C ARG A 144 9.01 -29.00 -19.40
N LEU A 145 7.76 -28.77 -19.80
CA LEU A 145 6.87 -27.85 -19.09
C LEU A 145 6.19 -28.56 -17.93
N VAL A 146 6.63 -28.27 -16.71
CA VAL A 146 6.09 -28.93 -15.53
C VAL A 146 5.29 -27.96 -14.66
N PHE A 147 3.98 -28.15 -14.64
CA PHE A 147 3.11 -27.33 -13.80
C PHE A 147 3.12 -27.85 -12.37
N ILE A 148 3.06 -26.94 -11.41
CA ILE A 148 3.09 -27.32 -9.99
C ILE A 148 1.68 -27.31 -9.38
N ASP A 149 1.13 -28.49 -9.19
CA ASP A 149 -0.22 -28.63 -8.62
C ASP A 149 -0.38 -27.80 -7.36
N CYS A 150 0.50 -28.02 -6.38
CA CYS A 150 0.46 -27.30 -5.12
C CYS A 150 1.87 -26.98 -4.63
N PRO A 151 2.00 -25.97 -3.76
CA PRO A 151 3.30 -25.50 -3.25
C PRO A 151 4.25 -26.64 -2.89
N GLY A 152 3.74 -27.68 -2.25
CA GLY A 152 4.57 -28.79 -1.80
C GLY A 152 5.14 -29.63 -2.92
N LYS A 153 4.40 -29.73 -4.01
CA LYS A 153 4.79 -30.57 -5.15
C LYS A 153 6.12 -30.14 -5.75
N LEU A 154 6.51 -28.89 -5.52
CA LEU A 154 7.76 -28.37 -6.06
C LEU A 154 8.96 -29.11 -5.50
N ALA A 155 8.83 -29.61 -4.27
CA ALA A 155 9.91 -30.32 -3.61
C ALA A 155 10.31 -31.58 -4.37
N GLU A 156 9.45 -32.00 -5.31
CA GLU A 156 9.74 -33.17 -6.13
C GLU A 156 10.89 -32.94 -7.08
N HIS A 157 11.20 -31.66 -7.32
CA HIS A 157 12.22 -31.29 -8.28
C HIS A 157 13.30 -30.42 -7.65
N ILE A 158 12.91 -29.67 -6.62
CA ILE A 158 13.85 -28.82 -5.89
C ILE A 158 13.66 -28.98 -4.39
N GLU A 159 14.74 -29.33 -3.69
CA GLU A 159 14.68 -29.45 -2.24
C GLU A 159 14.32 -28.12 -1.60
N HIS A 160 13.59 -28.18 -0.50
CA HIS A 160 13.06 -26.98 0.15
C HIS A 160 14.12 -25.93 0.44
N GLU A 161 15.27 -26.37 0.93
CA GLU A 161 16.35 -25.46 1.32
C GLU A 161 16.93 -24.74 0.09
N GLN A 162 16.64 -25.29 -1.09
CA GLN A 162 17.14 -24.71 -2.33
C GLN A 162 16.14 -23.77 -2.98
N GLN A 163 14.85 -24.07 -2.81
CA GLN A 163 13.78 -23.24 -3.35
C GLN A 163 13.99 -21.78 -2.96
N LYS A 164 13.92 -20.89 -3.95
CA LYS A 164 14.12 -19.46 -3.72
C LYS A 164 13.05 -18.60 -4.38
N LEU A 165 11.79 -18.97 -4.17
CA LEU A 165 10.68 -18.18 -4.66
C LEU A 165 10.65 -16.83 -3.95
N PRO A 166 10.12 -15.80 -4.63
CA PRO A 166 10.01 -14.47 -4.02
C PRO A 166 9.28 -14.54 -2.68
N ALA A 167 9.79 -13.83 -1.68
CA ALA A 167 9.20 -13.86 -0.35
C ALA A 167 7.72 -13.50 -0.40
N ALA A 168 7.37 -12.56 -1.27
CA ALA A 168 5.98 -12.15 -1.45
C ALA A 168 5.10 -13.33 -1.85
N THR A 169 5.67 -14.24 -2.63
CA THR A 169 4.94 -15.42 -3.09
C THR A 169 4.66 -16.36 -1.92
N LEU A 170 5.69 -16.60 -1.12
CA LEU A 170 5.59 -17.51 0.02
C LEU A 170 4.64 -16.98 1.08
N ALA A 171 4.51 -15.66 1.15
CA ALA A 171 3.64 -15.01 2.14
C ALA A 171 2.18 -15.38 1.92
N LEU A 172 1.82 -15.69 0.68
CA LEU A 172 0.44 -15.99 0.33
C LEU A 172 0.04 -17.41 0.70
N GLU A 173 1.00 -18.18 1.21
CA GLU A 173 0.77 -19.59 1.51
C GLU A 173 0.40 -19.87 2.95
N GLU A 174 0.63 -18.89 3.83
CA GLU A 174 0.47 -19.10 5.27
C GLU A 174 -0.74 -18.37 5.84
N ASP A 175 -1.24 -18.89 6.97
CA ASP A 175 -2.37 -18.29 7.68
C ASP A 175 -3.56 -18.05 6.76
N LEU A 176 -4.03 -19.11 6.12
CA LEU A 176 -5.14 -19.00 5.18
C LEU A 176 -6.42 -19.64 5.72
N LYS A 177 -7.51 -18.88 5.69
CA LYS A 177 -8.82 -19.42 6.00
C LYS A 177 -9.43 -19.98 4.71
N VAL A 178 -9.62 -21.29 4.66
CA VAL A 178 -10.02 -21.95 3.43
C VAL A 178 -11.49 -22.38 3.42
N PHE A 179 -12.14 -22.20 2.28
CA PHE A 179 -13.52 -22.63 2.09
C PHE A 179 -13.60 -23.59 0.91
N HIS A 180 -13.72 -24.89 1.22
CA HIS A 180 -13.72 -25.92 0.20
C HIS A 180 -15.11 -26.14 -0.41
N ASN A 181 -15.13 -26.79 -1.57
CA ASN A 181 -16.38 -27.16 -2.24
C ASN A 181 -17.24 -25.97 -2.64
N ALA A 182 -16.60 -24.81 -2.79
CA ALA A 182 -17.28 -23.64 -3.31
C ALA A 182 -17.50 -23.79 -4.81
N LEU A 183 -18.41 -23.01 -5.37
CA LEU A 183 -18.72 -23.10 -6.79
C LEU A 183 -18.70 -21.74 -7.47
N LYS A 184 -17.73 -21.53 -8.35
CA LYS A 184 -17.63 -20.29 -9.12
C LYS A 184 -18.66 -20.29 -10.24
N LEU A 185 -19.61 -19.36 -10.17
CA LEU A 185 -20.74 -19.32 -11.11
C LEU A 185 -20.44 -18.53 -12.37
N ALA A 186 -20.43 -19.23 -13.49
CA ALA A 186 -20.28 -18.61 -14.80
C ALA A 186 -21.16 -19.36 -15.78
N HIS A 187 -20.93 -19.19 -17.07
CA HIS A 187 -21.64 -19.98 -18.06
C HIS A 187 -21.29 -21.44 -17.80
N LYS A 188 -20.02 -21.69 -17.52
CA LYS A 188 -19.56 -22.98 -17.07
C LYS A 188 -19.18 -22.87 -15.60
N ASP A 189 -19.90 -23.62 -14.75
CA ASP A 189 -19.64 -23.59 -13.31
C ASP A 189 -18.39 -24.37 -12.97
N THR A 190 -17.55 -23.81 -12.10
CA THR A 190 -16.27 -24.42 -11.75
C THR A 190 -16.12 -24.68 -10.25
N LYS A 191 -15.86 -25.94 -9.89
CA LYS A 191 -15.54 -26.28 -8.51
C LYS A 191 -14.27 -25.58 -8.08
N VAL A 192 -14.38 -24.68 -7.12
CA VAL A 192 -13.23 -23.93 -6.64
C VAL A 192 -13.17 -23.87 -5.12
N SER A 193 -11.97 -23.64 -4.59
CA SER A 193 -11.79 -23.42 -3.16
C SER A 193 -11.37 -21.98 -2.93
N ILE A 194 -12.02 -21.31 -1.99
CA ILE A 194 -11.75 -19.90 -1.73
C ILE A 194 -10.93 -19.72 -0.46
N LYS A 195 -9.71 -19.21 -0.63
CA LYS A 195 -8.79 -19.03 0.49
C LYS A 195 -8.54 -17.56 0.78
N VAL A 196 -8.79 -17.17 2.02
CA VAL A 196 -8.63 -15.77 2.42
C VAL A 196 -7.38 -15.58 3.29
N GLY A 197 -6.40 -14.89 2.73
CA GLY A 197 -5.20 -14.54 3.48
C GLY A 197 -5.33 -13.14 4.05
N SER A 198 -4.38 -12.75 4.89
CA SER A 198 -4.41 -11.45 5.53
C SER A 198 -4.34 -10.31 4.51
N THR A 199 -3.80 -10.60 3.34
CA THR A 199 -3.55 -9.56 2.35
C THR A 199 -4.24 -9.80 1.00
N ALA A 200 -4.72 -11.03 0.78
CA ALA A 200 -5.32 -11.37 -0.51
C ALA A 200 -6.29 -12.55 -0.46
N VAL A 201 -7.14 -12.64 -1.48
CA VAL A 201 -8.03 -13.79 -1.65
C VAL A 201 -7.54 -14.64 -2.82
N GLN A 202 -7.52 -15.95 -2.63
CA GLN A 202 -7.10 -16.86 -3.69
C GLN A 202 -8.22 -17.81 -4.07
N VAL A 203 -8.55 -17.86 -5.36
CA VAL A 203 -9.55 -18.78 -5.87
C VAL A 203 -8.89 -19.91 -6.64
N THR A 204 -8.66 -21.03 -5.97
CA THR A 204 -7.98 -22.16 -6.57
C THR A 204 -8.98 -23.16 -7.14
N SER A 205 -8.82 -23.49 -8.41
CA SER A 205 -9.69 -24.46 -9.07
C SER A 205 -9.49 -25.85 -8.48
N ALA A 206 -10.60 -26.53 -8.22
CA ALA A 206 -10.55 -27.88 -7.66
C ALA A 206 -10.47 -28.92 -8.78
N GLU A 207 -10.76 -28.47 -10.01
CA GLU A 207 -10.68 -29.34 -11.17
C GLU A 207 -9.72 -28.75 -12.20
N ARG A 208 -9.23 -29.60 -13.10
CA ARG A 208 -8.20 -29.21 -14.04
C ARG A 208 -8.77 -28.70 -15.37
N THR A 209 -8.06 -27.75 -15.97
CA THR A 209 -8.38 -27.30 -17.32
C THR A 209 -7.11 -27.36 -18.17
N LYS A 210 -7.25 -27.08 -19.47
CA LYS A 210 -6.12 -27.18 -20.39
C LYS A 210 -5.30 -25.89 -20.49
N VAL A 211 -4.00 -26.02 -20.25
CA VAL A 211 -3.05 -24.92 -20.46
C VAL A 211 -1.86 -25.42 -21.27
N LEU A 212 -1.72 -24.93 -22.50
CA LEU A 212 -0.65 -25.36 -23.39
C LEU A 212 -0.65 -26.88 -23.57
N GLY A 213 -1.83 -27.47 -23.55
CA GLY A 213 -1.99 -28.89 -23.82
C GLY A 213 -1.87 -29.78 -22.60
N GLN A 214 -1.85 -29.19 -21.42
CA GLN A 214 -1.75 -29.96 -20.18
C GLN A 214 -2.89 -29.62 -19.21
N SER A 215 -3.39 -30.65 -18.53
CA SER A 215 -4.42 -30.46 -17.51
C SER A 215 -3.79 -30.00 -16.21
N VAL A 216 -4.16 -28.79 -15.77
CA VAL A 216 -3.55 -28.20 -14.58
C VAL A 216 -4.57 -27.44 -13.74
N PHE A 217 -4.15 -27.05 -12.54
CA PHE A 217 -4.99 -26.24 -11.66
C PHE A 217 -4.59 -24.77 -11.76
N LEU A 218 -5.57 -23.88 -11.60
CA LEU A 218 -5.32 -22.45 -11.66
C LEU A 218 -5.49 -21.79 -10.30
N ASN A 219 -4.70 -20.74 -10.05
CA ASN A 219 -4.79 -20.01 -8.79
C ASN A 219 -4.94 -18.52 -9.01
N ASP A 220 -6.20 -18.07 -9.11
CA ASP A 220 -6.49 -16.65 -9.27
C ASP A 220 -6.25 -15.91 -7.96
N ILE A 221 -5.40 -14.90 -8.01
CA ILE A 221 -5.05 -14.15 -6.81
C ILE A 221 -5.53 -12.70 -6.88
N TYR A 222 -6.26 -12.28 -5.85
CA TYR A 222 -6.80 -10.93 -5.79
C TYR A 222 -6.38 -10.24 -4.49
N TYR A 223 -5.47 -9.28 -4.60
CA TYR A 223 -5.03 -8.52 -3.45
C TYR A 223 -6.20 -7.78 -2.81
N ALA A 224 -6.07 -7.48 -1.52
CA ALA A 224 -7.09 -6.72 -0.82
C ALA A 224 -7.28 -5.34 -1.45
N SER A 225 -6.26 -4.89 -2.16
CA SER A 225 -6.28 -3.57 -2.79
C SER A 225 -7.04 -3.59 -4.11
N GLU A 226 -7.38 -4.79 -4.57
CA GLU A 226 -8.10 -4.96 -5.83
C GLU A 226 -9.59 -5.19 -5.59
N ILE A 227 -9.97 -5.39 -4.34
CA ILE A 227 -11.35 -5.69 -3.99
C ILE A 227 -12.16 -4.42 -3.74
N GLU A 228 -13.01 -4.07 -4.70
CA GLU A 228 -13.79 -2.84 -4.63
C GLU A 228 -15.18 -3.04 -4.04
N GLU A 229 -15.83 -4.16 -4.41
CA GLU A 229 -17.22 -4.39 -4.01
C GLU A 229 -17.51 -5.85 -3.64
N ILE A 230 -17.75 -6.08 -2.35
CA ILE A 230 -18.27 -7.37 -1.90
C ILE A 230 -19.77 -7.22 -1.69
N CYS A 231 -20.53 -8.25 -2.06
CA CYS A 231 -21.98 -8.16 -1.97
C CYS A 231 -22.63 -9.53 -1.77
N LEU A 232 -23.33 -9.69 -0.67
CA LEU A 232 -24.03 -10.95 -0.38
C LEU A 232 -25.39 -10.98 -1.07
N VAL A 233 -25.56 -11.92 -1.99
CA VAL A 233 -26.81 -12.08 -2.70
C VAL A 233 -27.76 -12.94 -1.89
N ASP A 234 -27.53 -14.24 -1.90
CA ASP A 234 -28.30 -15.17 -1.08
C ASP A 234 -27.50 -15.45 0.18
N GLU A 235 -28.02 -16.36 1.01
CA GLU A 235 -27.25 -16.82 2.16
C GLU A 235 -26.11 -17.71 1.66
N ASN A 236 -26.19 -18.13 0.40
CA ASN A 236 -25.18 -19.00 -0.19
C ASN A 236 -24.68 -18.55 -1.56
N GLN A 237 -24.57 -17.24 -1.73
CA GLN A 237 -24.10 -16.68 -2.99
C GLN A 237 -23.71 -15.22 -2.79
N PHE A 238 -22.56 -14.82 -3.35
CA PHE A 238 -22.07 -13.45 -3.18
C PHE A 238 -21.33 -12.92 -4.41
N THR A 239 -21.22 -11.59 -4.48
CA THR A 239 -20.54 -10.92 -5.57
C THR A 239 -19.15 -10.47 -5.15
N LEU A 240 -18.23 -10.41 -6.12
CA LEU A 240 -16.85 -10.01 -5.83
C LEU A 240 -16.30 -9.14 -6.96
N THR A 241 -16.43 -7.82 -6.81
CA THR A 241 -16.00 -6.89 -7.85
C THR A 241 -14.52 -6.53 -7.72
N ILE A 242 -13.76 -6.78 -8.78
CA ILE A 242 -12.33 -6.50 -8.79
C ILE A 242 -12.03 -5.24 -9.59
N ALA A 243 -11.10 -4.43 -9.09
CA ALA A 243 -10.72 -3.20 -9.76
C ALA A 243 -10.14 -3.49 -11.15
N ASN A 244 -10.72 -2.86 -12.16
CA ASN A 244 -10.23 -2.98 -13.54
C ASN A 244 -10.45 -4.38 -14.12
N GLN A 245 -11.63 -4.95 -13.90
CA GLN A 245 -11.98 -6.25 -14.48
C GLN A 245 -13.46 -6.30 -14.86
N GLY A 246 -14.18 -5.22 -14.59
CA GLY A 246 -15.58 -5.11 -14.96
C GLY A 246 -16.49 -6.09 -14.26
N THR A 247 -17.11 -6.98 -15.03
CA THR A 247 -18.06 -7.96 -14.50
C THR A 247 -17.51 -8.68 -13.28
N PRO A 248 -18.21 -8.59 -12.15
CA PRO A 248 -17.81 -9.16 -10.87
C PRO A 248 -17.84 -10.69 -10.88
N LEU A 249 -17.04 -11.30 -10.00
CA LEU A 249 -17.05 -12.74 -9.83
C LEU A 249 -18.25 -13.16 -8.99
N THR A 250 -18.74 -14.36 -9.21
CA THR A 250 -19.87 -14.88 -8.45
C THR A 250 -19.55 -16.26 -7.89
N PHE A 251 -19.88 -16.48 -6.61
CA PHE A 251 -19.56 -17.74 -5.95
C PHE A 251 -20.71 -18.28 -5.13
N MET A 252 -20.89 -19.60 -5.18
CA MET A 252 -21.86 -20.29 -4.35
C MET A 252 -21.17 -21.07 -3.24
N HIS A 253 -21.75 -21.05 -2.05
CA HIS A 253 -21.19 -21.78 -0.91
C HIS A 253 -22.11 -21.68 0.29
N GLN A 254 -22.23 -22.77 1.04
CA GLN A 254 -23.12 -22.82 2.20
C GLN A 254 -22.77 -21.77 3.24
N GLU A 255 -21.52 -21.34 3.27
CA GLU A 255 -21.03 -20.42 4.29
C GLU A 255 -20.67 -19.06 3.70
N CYS A 256 -21.47 -18.58 2.76
CA CYS A 256 -21.19 -17.31 2.09
C CYS A 256 -21.15 -16.14 3.07
N GLU A 257 -22.03 -16.14 4.05
CA GLU A 257 -22.02 -15.10 5.07
C GLU A 257 -20.65 -14.99 5.72
N ALA A 258 -20.07 -16.13 6.05
CA ALA A 258 -18.76 -16.18 6.69
C ALA A 258 -17.65 -15.70 5.76
N ILE A 259 -17.75 -16.07 4.48
CA ILE A 259 -16.75 -15.70 3.50
C ILE A 259 -16.73 -14.19 3.28
N VAL A 260 -17.92 -13.62 3.04
CA VAL A 260 -18.07 -12.19 2.82
C VAL A 260 -17.55 -11.39 4.01
N GLN A 261 -17.85 -11.87 5.22
CA GLN A 261 -17.42 -11.21 6.43
C GLN A 261 -15.90 -11.25 6.54
N SER A 262 -15.30 -12.36 6.12
CA SER A 262 -13.85 -12.51 6.16
C SER A 262 -13.15 -11.62 5.15
N ILE A 263 -13.71 -11.55 3.93
CA ILE A 263 -13.15 -10.73 2.87
C ILE A 263 -13.26 -9.24 3.19
N ILE A 264 -14.44 -8.84 3.68
CA ILE A 264 -14.65 -7.46 4.09
C ILE A 264 -13.64 -7.05 5.15
N HIS A 265 -13.20 -8.03 5.94
CA HIS A 265 -12.25 -7.77 7.02
C HIS A 265 -10.88 -7.37 6.49
N ILE A 266 -10.31 -8.22 5.65
CA ILE A 266 -8.98 -7.96 5.09
C ILE A 266 -8.98 -6.73 4.17
N ARG A 267 -10.14 -6.39 3.64
CA ARG A 267 -10.28 -5.18 2.83
C ARG A 267 -10.27 -3.95 3.72
N THR A 268 -10.97 -4.03 4.84
CA THR A 268 -11.03 -2.93 5.80
C THR A 268 -9.66 -2.67 6.42
N ARG A 269 -9.01 -3.75 6.84
CA ARG A 269 -7.67 -3.65 7.42
C ARG A 269 -6.68 -2.99 6.46
N TRP A 270 -6.78 -3.33 5.18
CA TRP A 270 -5.91 -2.75 4.17
C TRP A 270 -6.16 -1.25 4.03
N GLU A 271 -7.43 -0.85 4.13
CA GLU A 271 -7.80 0.54 4.00
C GLU A 271 -7.29 1.38 5.16
N LEU A 272 -7.14 0.73 6.32
CA LEU A 272 -6.66 1.41 7.52
C LEU A 272 -5.15 1.62 7.50
N SER A 273 -4.50 1.19 6.41
CA SER A 273 -3.05 1.26 6.33
C SER A 273 -2.57 2.00 5.07
N GLN A 274 -3.51 2.65 4.38
CA GLN A 274 -3.20 3.27 3.10
C GLN A 274 -2.69 4.71 3.20
N PRO A 275 -1.99 5.17 2.15
CA PRO A 275 -1.41 6.52 2.09
C PRO A 275 -2.46 7.62 2.25
N ASP A 276 -2.04 8.79 2.71
CA ASP A 276 -2.94 9.91 2.91
C ASP A 276 -3.45 10.47 1.59
N LYS B 7 -18.64 35.56 4.43
CA LYS B 7 -18.49 36.68 3.52
C LYS B 7 -19.28 36.42 2.23
N PHE B 8 -20.52 36.90 2.19
CA PHE B 8 -21.40 36.66 1.05
C PHE B 8 -20.79 37.07 -0.30
N GLU B 9 -19.83 37.99 -0.25
CA GLU B 9 -19.13 38.42 -1.45
C GLU B 9 -18.31 37.27 -2.03
N GLU B 10 -17.77 36.43 -1.16
CA GLU B 10 -17.06 35.23 -1.58
C GLU B 10 -18.08 34.12 -1.77
N PHE B 11 -19.15 34.18 -0.98
CA PHE B 11 -20.23 33.21 -1.05
C PHE B 11 -20.81 33.15 -2.46
N MET B 12 -21.15 34.32 -3.00
CA MET B 12 -21.79 34.41 -4.31
C MET B 12 -20.80 34.22 -5.45
N THR B 13 -19.56 34.64 -5.25
CA THR B 13 -18.51 34.44 -6.24
C THR B 13 -18.35 32.94 -6.46
N ARG B 14 -18.65 32.17 -5.42
CA ARG B 14 -18.54 30.72 -5.48
C ARG B 14 -19.86 30.08 -5.89
N HIS B 15 -20.84 30.91 -6.21
CA HIS B 15 -22.18 30.44 -6.57
C HIS B 15 -22.64 30.86 -7.96
N GLN B 16 -21.84 31.70 -8.63
CA GLN B 16 -22.13 32.04 -10.02
C GLN B 16 -22.00 30.78 -10.87
N VAL B 17 -21.23 29.83 -10.36
CA VAL B 17 -21.16 28.49 -10.92
C VAL B 17 -21.46 27.49 -9.80
N HIS B 18 -22.64 26.88 -9.87
CA HIS B 18 -23.10 26.01 -8.79
C HIS B 18 -22.15 24.84 -8.57
N GLU B 19 -22.39 24.09 -7.50
CA GLU B 19 -21.55 22.96 -7.13
C GLU B 19 -21.23 22.08 -8.33
N LYS B 20 -19.96 22.10 -8.75
CA LYS B 20 -19.53 21.26 -9.85
C LYS B 20 -19.48 19.79 -9.43
N GLU B 21 -18.68 19.00 -10.15
CA GLU B 21 -18.55 17.58 -9.85
C GLU B 21 -17.23 17.26 -9.16
N GLU B 22 -16.29 18.20 -9.20
CA GLU B 22 -15.04 18.07 -8.45
C GLU B 22 -15.33 18.42 -7.00
N PHE B 23 -16.10 19.47 -6.80
CA PHE B 23 -16.48 19.92 -5.47
C PHE B 23 -17.17 18.82 -4.68
N LYS B 24 -18.07 18.11 -5.34
CA LYS B 24 -18.84 17.05 -4.69
C LYS B 24 -17.96 15.89 -4.24
N ALA B 25 -16.77 15.79 -4.83
CA ALA B 25 -15.83 14.73 -4.47
C ALA B 25 -15.25 14.96 -3.07
N LEU B 26 -15.15 16.22 -2.67
CA LEU B 26 -14.61 16.58 -1.37
C LEU B 26 -15.38 15.93 -0.23
N LYS B 27 -16.69 15.82 -0.40
CA LYS B 27 -17.55 15.21 0.62
C LYS B 27 -17.21 13.74 0.86
N THR B 28 -16.95 13.01 -0.22
CA THR B 28 -16.71 11.58 -0.13
C THR B 28 -15.37 11.26 0.53
N LEU B 29 -14.39 12.15 0.40
CA LEU B 29 -13.06 11.91 0.95
C LEU B 29 -12.98 12.30 2.43
N SER B 30 -14.10 12.77 2.97
CA SER B 30 -14.23 13.06 4.40
C SER B 30 -13.08 13.89 4.96
N ILE B 31 -12.90 15.09 4.40
CA ILE B 31 -11.87 16.01 4.89
C ILE B 31 -12.41 16.90 6.00
N PHE B 32 -13.68 17.26 5.88
CA PHE B 32 -14.35 18.08 6.90
C PHE B 32 -15.82 17.71 6.97
N TYR B 33 -16.25 17.27 8.15
CA TYR B 33 -17.60 16.77 8.34
C TYR B 33 -18.09 16.98 9.77
N GLN B 34 -19.41 17.00 9.95
CA GLN B 34 -20.00 17.11 11.27
C GLN B 34 -20.34 15.73 11.82
N ALA B 35 -19.98 15.49 13.07
CA ALA B 35 -20.23 14.19 13.69
C ALA B 35 -20.28 14.27 15.21
N GLY B 36 -21.39 13.83 15.78
CA GLY B 36 -21.53 13.75 17.22
C GLY B 36 -21.76 15.06 17.93
N THR B 37 -22.03 14.97 19.24
CA THR B 37 -22.25 16.15 20.07
C THR B 37 -21.34 16.10 21.29
N SER B 38 -20.76 17.23 21.65
CA SER B 38 -19.85 17.29 22.79
C SER B 38 -20.59 17.18 24.12
N LYS B 39 -19.83 16.95 25.19
CA LYS B 39 -20.38 16.85 26.53
C LYS B 39 -21.01 18.18 26.95
N ALA B 40 -20.56 19.25 26.30
CA ALA B 40 -21.09 20.59 26.56
C ALA B 40 -22.40 20.80 25.83
N GLY B 41 -22.77 19.83 24.99
CA GLY B 41 -24.02 19.88 24.25
C GLY B 41 -23.91 20.65 22.95
N ASN B 42 -22.73 20.64 22.34
CA ASN B 42 -22.49 21.36 21.10
C ASN B 42 -22.17 20.44 19.92
N PRO B 43 -22.59 20.83 18.71
CA PRO B 43 -22.31 20.06 17.50
C PRO B 43 -20.80 20.03 17.22
N VAL B 44 -20.28 18.87 16.86
CA VAL B 44 -18.84 18.72 16.63
C VAL B 44 -18.51 18.56 15.15
N PHE B 45 -17.44 19.20 14.71
CA PHE B 45 -16.97 19.07 13.34
C PHE B 45 -15.55 18.54 13.32
N TYR B 46 -15.23 17.73 12.30
CA TYR B 46 -13.91 17.12 12.21
C TYR B 46 -13.17 17.60 10.96
N TYR B 47 -11.91 17.97 11.13
CA TYR B 47 -11.04 18.27 9.99
C TYR B 47 -9.84 17.34 9.98
N VAL B 48 -9.78 16.47 8.96
CA VAL B 48 -8.68 15.54 8.82
C VAL B 48 -7.59 16.15 7.94
N ALA B 49 -6.62 16.78 8.57
CA ALA B 49 -5.59 17.54 7.87
C ALA B 49 -4.89 16.75 6.76
N ARG B 50 -4.48 15.52 7.06
CA ARG B 50 -3.70 14.72 6.13
C ARG B 50 -4.47 14.37 4.85
N ARG B 51 -5.77 14.63 4.85
CA ARG B 51 -6.60 14.31 3.69
C ARG B 51 -6.67 15.45 2.68
N PHE B 52 -5.95 16.54 2.96
CA PHE B 52 -5.83 17.64 2.02
C PHE B 52 -4.46 17.66 1.38
N LYS B 53 -4.42 17.67 0.06
CA LYS B 53 -3.15 17.73 -0.67
C LYS B 53 -2.99 19.08 -1.33
N THR B 54 -1.96 19.82 -0.90
CA THR B 54 -1.72 21.17 -1.38
C THR B 54 -1.96 21.33 -2.88
N GLY B 55 -1.21 20.59 -3.69
CA GLY B 55 -1.28 20.72 -5.13
C GLY B 55 -2.51 20.08 -5.76
N GLN B 56 -2.93 18.95 -5.20
CA GLN B 56 -3.99 18.15 -5.80
C GLN B 56 -5.40 18.70 -5.57
N ILE B 57 -5.56 19.49 -4.52
CA ILE B 57 -6.89 19.98 -4.16
C ILE B 57 -7.02 21.50 -4.26
N ASN B 58 -8.05 21.95 -4.97
CA ASN B 58 -8.31 23.38 -5.11
C ASN B 58 -8.79 23.99 -3.80
N GLY B 59 -7.98 24.89 -3.24
CA GLY B 59 -8.28 25.52 -1.98
C GLY B 59 -9.66 26.15 -1.91
N ASP B 60 -9.98 26.97 -2.90
CA ASP B 60 -11.26 27.68 -2.93
C ASP B 60 -12.47 26.75 -2.80
N LEU B 61 -12.35 25.54 -3.35
CA LEU B 61 -13.42 24.55 -3.24
C LEU B 61 -13.51 24.02 -1.81
N LEU B 62 -12.36 23.70 -1.23
CA LEU B 62 -12.31 23.19 0.13
C LEU B 62 -12.95 24.18 1.10
N ILE B 63 -12.35 25.37 1.19
CA ILE B 63 -12.86 26.42 2.09
C ILE B 63 -14.35 26.67 1.88
N TYR B 64 -14.79 26.55 0.63
CA TYR B 64 -16.20 26.73 0.30
C TYR B 64 -17.02 25.54 0.77
N HIS B 65 -16.42 24.36 0.72
CA HIS B 65 -17.07 23.15 1.21
C HIS B 65 -17.26 23.22 2.73
N VAL B 66 -16.32 23.86 3.40
CA VAL B 66 -16.39 24.05 4.84
C VAL B 66 -17.45 25.08 5.19
N LEU B 67 -17.53 26.13 4.37
CA LEU B 67 -18.51 27.19 4.57
C LEU B 67 -19.93 26.63 4.55
N LEU B 68 -20.22 25.82 3.52
CA LEU B 68 -21.53 25.20 3.38
C LEU B 68 -21.82 24.23 4.53
N THR B 69 -20.77 23.62 5.05
CA THR B 69 -20.91 22.66 6.14
C THR B 69 -21.23 23.37 7.45
N LEU B 70 -20.52 24.47 7.71
CA LEU B 70 -20.69 25.21 8.96
C LEU B 70 -21.85 26.20 8.91
N LYS B 71 -22.20 26.64 7.70
CA LYS B 71 -23.26 27.62 7.49
C LYS B 71 -24.46 27.44 8.43
N PRO B 72 -25.05 26.24 8.45
CA PRO B 72 -26.25 26.02 9.27
C PRO B 72 -25.97 26.05 10.77
N TYR B 73 -24.73 25.74 11.16
CA TYR B 73 -24.40 25.57 12.57
C TYR B 73 -23.77 26.80 13.23
N TYR B 74 -22.87 27.47 12.52
CA TYR B 74 -21.99 28.45 13.15
C TYR B 74 -22.66 29.71 13.71
N ALA B 75 -23.99 29.78 13.63
CA ALA B 75 -24.72 30.88 14.24
C ALA B 75 -24.91 30.60 15.73
N LYS B 76 -24.58 29.36 16.11
CA LYS B 76 -24.69 28.92 17.50
C LYS B 76 -23.40 28.23 17.90
N PRO B 77 -23.21 28.01 19.21
CA PRO B 77 -21.99 27.34 19.68
C PRO B 77 -21.72 26.03 18.97
N TYR B 78 -20.43 25.76 18.72
CA TYR B 78 -20.00 24.52 18.09
C TYR B 78 -18.52 24.30 18.32
N GLU B 79 -18.08 23.05 18.19
CA GLU B 79 -16.69 22.71 18.48
C GLU B 79 -16.03 21.95 17.32
N ILE B 80 -14.73 22.14 17.17
CA ILE B 80 -14.00 21.52 16.06
C ILE B 80 -12.87 20.62 16.57
N VAL B 81 -12.80 19.41 16.01
CA VAL B 81 -11.70 18.50 16.30
C VAL B 81 -10.75 18.46 15.11
N VAL B 82 -9.55 18.99 15.29
CA VAL B 82 -8.55 19.01 14.22
C VAL B 82 -7.60 17.83 14.34
N ASP B 83 -7.73 16.87 13.43
CA ASP B 83 -6.87 15.69 13.41
C ASP B 83 -5.61 15.98 12.61
N LEU B 84 -4.49 16.14 13.31
CA LEU B 84 -3.21 16.44 12.66
C LEU B 84 -2.37 15.20 12.44
N THR B 85 -3.02 14.03 12.47
CA THR B 85 -2.31 12.77 12.30
C THR B 85 -1.54 12.72 10.98
N HIS B 86 -0.24 12.54 11.08
CA HIS B 86 0.63 12.40 9.92
C HIS B 86 0.55 13.59 8.97
N THR B 87 0.26 14.76 9.51
CA THR B 87 0.19 15.99 8.72
C THR B 87 1.59 16.49 8.39
N GLY B 88 1.87 16.64 7.10
CA GLY B 88 3.18 17.09 6.65
C GLY B 88 3.08 18.17 5.59
N PRO B 89 4.22 18.45 4.92
CA PRO B 89 4.33 19.48 3.88
C PRO B 89 3.25 19.36 2.81
N SER B 90 2.95 18.13 2.39
CA SER B 90 2.00 17.90 1.31
C SER B 90 0.57 18.29 1.68
N ASN B 91 0.36 18.66 2.94
CA ASN B 91 -0.99 18.99 3.41
C ASN B 91 -1.12 20.45 3.82
N ARG B 92 -0.03 21.19 3.74
CA ARG B 92 0.03 22.57 4.23
C ARG B 92 -0.90 23.51 3.46
N PHE B 93 -1.37 24.54 4.15
CA PHE B 93 -2.05 25.66 3.51
C PHE B 93 -1.01 26.73 3.21
N LYS B 94 -0.78 27.02 1.94
CA LYS B 94 0.20 28.04 1.58
C LYS B 94 -0.19 29.40 2.15
N THR B 95 0.81 30.23 2.42
CA THR B 95 0.61 31.51 3.09
C THR B 95 -0.66 32.25 2.65
N ASP B 96 -0.76 32.53 1.35
CA ASP B 96 -1.88 33.31 0.82
C ASP B 96 -3.23 32.62 1.03
N PHE B 97 -3.25 31.30 0.91
CA PHE B 97 -4.48 30.55 1.12
C PHE B 97 -4.86 30.49 2.59
N LEU B 98 -3.86 30.34 3.45
CA LEU B 98 -4.08 30.29 4.90
C LEU B 98 -4.78 31.54 5.40
N SER B 99 -4.41 32.70 4.85
CA SER B 99 -4.94 33.98 5.30
C SER B 99 -6.42 34.15 4.93
N LYS B 100 -6.87 33.41 3.92
CA LYS B 100 -8.26 33.47 3.49
C LYS B 100 -9.21 33.06 4.61
N TRP B 101 -8.83 32.02 5.34
CA TRP B 101 -9.67 31.46 6.39
C TRP B 101 -10.07 32.50 7.45
N PHE B 102 -9.33 33.59 7.52
CA PHE B 102 -9.56 34.60 8.55
C PHE B 102 -10.50 35.72 8.07
N VAL B 103 -10.94 35.65 6.81
CA VAL B 103 -11.77 36.71 6.25
C VAL B 103 -13.06 36.19 5.62
N VAL B 104 -13.04 34.95 5.16
CA VAL B 104 -14.17 34.39 4.42
C VAL B 104 -15.36 34.03 5.30
N PHE B 105 -15.16 34.00 6.62
CA PHE B 105 -16.23 33.67 7.54
C PHE B 105 -16.71 34.88 8.33
N PRO B 106 -18.00 34.91 8.67
CA PRO B 106 -18.59 35.99 9.48
C PRO B 106 -17.91 36.11 10.84
N GLY B 107 -17.96 37.29 11.43
CA GLY B 107 -17.33 37.53 12.72
C GLY B 107 -17.85 36.61 13.81
N PHE B 108 -19.16 36.44 13.87
CA PHE B 108 -19.79 35.62 14.91
C PHE B 108 -19.44 34.14 14.75
N ALA B 109 -19.22 33.72 13.50
CA ALA B 109 -18.84 32.34 13.23
C ALA B 109 -17.56 31.98 13.96
N TYR B 110 -16.63 32.93 14.01
CA TYR B 110 -15.38 32.74 14.72
C TYR B 110 -15.61 32.75 16.23
N ASP B 111 -16.55 33.59 16.68
CA ASP B 111 -16.85 33.74 18.09
C ASP B 111 -17.55 32.51 18.65
N ASN B 112 -18.40 31.89 17.84
CA ASN B 112 -19.22 30.78 18.28
C ASN B 112 -18.47 29.46 18.49
N VAL B 113 -17.19 29.43 18.11
CA VAL B 113 -16.37 28.25 18.35
C VAL B 113 -16.09 28.11 19.83
N SER B 114 -16.71 27.12 20.46
CA SER B 114 -16.57 26.92 21.90
C SER B 114 -15.18 26.39 22.26
N ALA B 115 -14.71 25.41 21.49
CA ALA B 115 -13.41 24.81 21.75
C ALA B 115 -12.85 24.06 20.54
N VAL B 116 -11.55 24.18 20.33
CA VAL B 116 -10.86 23.46 19.27
C VAL B 116 -9.99 22.36 19.87
N TYR B 117 -10.16 21.13 19.40
CA TYR B 117 -9.40 20.01 19.94
C TYR B 117 -8.32 19.54 18.97
N ILE B 118 -7.07 19.83 19.30
CA ILE B 118 -5.95 19.45 18.47
C ILE B 118 -5.52 18.01 18.74
N TYR B 119 -5.54 17.18 17.71
CA TYR B 119 -5.21 15.77 17.87
C TYR B 119 -3.95 15.39 17.10
N ASN B 120 -3.03 14.71 17.79
CA ASN B 120 -1.78 14.26 17.19
C ASN B 120 -0.96 15.37 16.53
N CYS B 121 -0.81 16.51 17.21
CA CYS B 121 0.06 17.56 16.73
C CYS B 121 1.50 17.03 16.62
N ASN B 122 2.17 17.35 15.52
CA ASN B 122 3.52 16.83 15.30
C ASN B 122 4.58 17.92 15.17
N SER B 123 5.81 17.50 14.90
CA SER B 123 6.93 18.43 14.79
C SER B 123 6.76 19.41 13.63
N TRP B 124 6.37 18.90 12.47
CA TRP B 124 6.20 19.74 11.29
C TRP B 124 5.15 20.82 11.52
N VAL B 125 4.00 20.43 12.05
CA VAL B 125 2.93 21.38 12.33
C VAL B 125 3.42 22.49 13.26
N ARG B 126 4.23 22.11 14.24
CA ARG B 126 4.82 23.07 15.16
C ARG B 126 5.64 24.10 14.40
N GLU B 127 6.52 23.61 13.53
CA GLU B 127 7.34 24.48 12.70
C GLU B 127 6.46 25.33 11.78
N TYR B 128 5.32 24.78 11.36
CA TYR B 128 4.39 25.49 10.51
C TYR B 128 3.83 26.70 11.24
N THR B 129 3.31 26.47 12.44
CA THR B 129 2.78 27.54 13.27
C THR B 129 3.90 28.53 13.61
N LYS B 130 5.11 28.00 13.80
CA LYS B 130 6.29 28.84 14.03
C LYS B 130 6.47 29.83 12.89
N TYR B 131 6.48 29.31 11.67
CA TYR B 131 6.70 30.11 10.48
C TYR B 131 5.56 31.08 10.19
N HIS B 132 4.35 30.69 10.59
CA HIS B 132 3.17 31.53 10.41
C HIS B 132 2.73 32.11 11.75
N GLU B 133 3.70 32.48 12.58
CA GLU B 133 3.44 33.03 13.89
C GLU B 133 2.62 34.31 13.81
N ARG B 134 2.82 35.07 12.73
CA ARG B 134 2.08 36.32 12.53
C ARG B 134 0.58 36.08 12.49
N LEU B 135 0.14 35.30 11.49
CA LEU B 135 -1.28 35.07 11.24
C LEU B 135 -2.01 34.42 12.41
N LEU B 136 -1.30 33.62 13.19
CA LEU B 136 -1.93 32.79 14.21
C LEU B 136 -1.84 33.36 15.63
N THR B 137 -1.61 34.67 15.73
CA THR B 137 -1.48 35.32 17.03
C THR B 137 -2.78 35.26 17.82
N GLY B 138 -3.91 35.24 17.12
CA GLY B 138 -5.20 35.14 17.77
C GLY B 138 -5.41 33.78 18.42
N LEU B 139 -4.62 32.80 17.97
CA LEU B 139 -4.71 31.45 18.51
C LEU B 139 -3.73 31.25 19.67
N LYS B 140 -2.80 32.19 19.81
CA LYS B 140 -1.78 32.10 20.85
C LYS B 140 -2.39 32.13 22.26
N GLY B 141 -1.99 31.18 23.08
CA GLY B 141 -2.42 31.12 24.47
C GLY B 141 -3.92 31.24 24.62
N SER B 142 -4.66 30.59 23.72
CA SER B 142 -6.11 30.63 23.75
C SER B 142 -6.68 29.53 24.64
N LYS B 143 -7.69 29.86 25.42
CA LYS B 143 -8.34 28.89 26.30
C LYS B 143 -9.23 27.96 25.48
N ARG B 144 -9.57 28.39 24.27
CA ARG B 144 -10.41 27.59 23.38
C ARG B 144 -9.58 26.49 22.71
N LEU B 145 -8.28 26.74 22.57
CA LEU B 145 -7.38 25.75 22.00
C LEU B 145 -7.04 24.68 23.04
N VAL B 146 -7.33 23.43 22.71
CA VAL B 146 -7.09 22.32 23.63
C VAL B 146 -6.37 21.17 22.95
N PHE B 147 -5.11 20.96 23.33
CA PHE B 147 -4.31 19.87 22.78
C PHE B 147 -4.55 18.57 23.56
N ILE B 148 -4.82 17.50 22.82
CA ILE B 148 -5.07 16.20 23.45
C ILE B 148 -3.76 15.51 23.76
N ASP B 149 -3.38 15.51 25.04
CA ASP B 149 -2.14 14.89 25.48
C ASP B 149 -2.03 13.45 25.00
N CYS B 150 -3.12 12.70 25.18
CA CYS B 150 -3.17 11.31 24.74
C CYS B 150 -4.61 10.93 24.42
N PRO B 151 -4.81 9.89 23.58
CA PRO B 151 -6.14 9.47 23.13
C PRO B 151 -7.21 9.46 24.24
N GLY B 152 -6.79 9.17 25.46
CA GLY B 152 -7.71 8.99 26.56
C GLY B 152 -8.34 10.27 27.07
N LYS B 153 -7.67 11.40 26.83
CA LYS B 153 -8.14 12.68 27.38
C LYS B 153 -9.26 13.33 26.57
N LEU B 154 -9.44 12.90 25.33
CA LEU B 154 -10.50 13.45 24.49
C LEU B 154 -11.87 13.12 25.07
N ALA B 155 -11.94 12.06 25.88
CA ALA B 155 -13.19 11.63 26.48
C ALA B 155 -13.67 12.63 27.53
N GLU B 156 -12.81 13.57 27.89
CA GLU B 156 -13.15 14.58 28.89
C GLU B 156 -14.01 15.69 28.30
N HIS B 157 -14.06 15.76 26.97
CA HIS B 157 -14.81 16.80 26.29
C HIS B 157 -15.89 16.21 25.39
N ILE B 158 -15.60 15.05 24.80
CA ILE B 158 -16.55 14.36 23.95
C ILE B 158 -16.69 12.89 24.35
N GLU B 159 -17.91 12.46 24.58
CA GLU B 159 -18.16 11.06 24.90
C GLU B 159 -17.53 10.14 23.86
N HIS B 160 -16.95 9.04 24.31
CA HIS B 160 -16.23 8.14 23.41
C HIS B 160 -17.10 7.71 22.23
N GLU B 161 -18.37 7.46 22.49
CA GLU B 161 -19.31 7.05 21.44
C GLU B 161 -19.70 8.21 20.54
N GLN B 162 -19.63 9.42 21.07
CA GLN B 162 -19.93 10.61 20.29
C GLN B 162 -18.76 11.00 19.40
N GLN B 163 -17.61 10.37 19.63
CA GLN B 163 -16.41 10.64 18.85
C GLN B 163 -16.44 9.89 17.53
N LYS B 164 -15.94 10.54 16.48
CA LYS B 164 -15.88 9.93 15.16
C LYS B 164 -14.62 10.33 14.39
N LEU B 165 -13.47 9.99 14.96
CA LEU B 165 -12.20 10.20 14.28
C LEU B 165 -12.07 9.19 13.15
N PRO B 166 -11.24 9.49 12.14
CA PRO B 166 -11.01 8.52 11.07
C PRO B 166 -10.54 7.19 11.65
N ALA B 167 -11.07 6.09 11.11
CA ALA B 167 -10.72 4.75 11.60
C ALA B 167 -9.22 4.51 11.47
N ALA B 168 -8.62 5.10 10.45
CA ALA B 168 -7.19 4.97 10.21
C ALA B 168 -6.39 5.64 11.34
N THR B 169 -6.97 6.69 11.92
CA THR B 169 -6.33 7.39 13.02
C THR B 169 -6.32 6.55 14.28
N LEU B 170 -7.46 5.94 14.58
CA LEU B 170 -7.61 5.11 15.77
C LEU B 170 -6.79 3.84 15.68
N ALA B 171 -6.60 3.34 14.46
CA ALA B 171 -5.86 2.12 14.23
C ALA B 171 -4.39 2.28 14.61
N LEU B 172 -3.90 3.51 14.59
CA LEU B 172 -2.52 3.80 14.93
C LEU B 172 -2.27 3.67 16.43
N GLU B 173 -3.32 3.40 17.19
CA GLU B 173 -3.20 3.29 18.64
C GLU B 173 -3.35 1.85 19.11
N GLU B 174 -3.20 0.90 18.19
CA GLU B 174 -3.45 -0.50 18.49
C GLU B 174 -2.22 -1.39 18.31
N ASP B 175 -1.91 -2.18 19.34
CA ASP B 175 -0.80 -3.12 19.30
C ASP B 175 0.54 -2.44 18.98
N LEU B 176 1.01 -1.62 19.90
CA LEU B 176 2.28 -0.92 19.73
C LEU B 176 3.35 -1.44 20.68
N LYS B 177 4.52 -1.75 20.13
CA LYS B 177 5.67 -2.09 20.96
C LYS B 177 6.38 -0.80 21.36
N VAL B 178 6.19 -0.40 22.62
CA VAL B 178 6.63 0.91 23.08
C VAL B 178 8.00 0.87 23.75
N PHE B 179 8.86 1.78 23.33
CA PHE B 179 10.19 1.92 23.93
C PHE B 179 10.33 3.27 24.61
N HIS B 180 10.37 3.26 25.94
CA HIS B 180 10.50 4.49 26.70
C HIS B 180 11.94 4.91 26.89
N ASN B 181 12.15 6.13 27.37
CA ASN B 181 13.48 6.62 27.74
C ASN B 181 14.44 6.84 26.58
N ALA B 182 13.92 6.76 25.36
CA ALA B 182 14.72 7.03 24.17
C ALA B 182 15.06 8.52 24.08
N LEU B 183 16.09 8.84 23.31
CA LEU B 183 16.51 10.23 23.14
C LEU B 183 16.70 10.57 21.67
N LYS B 184 16.10 11.68 21.24
CA LYS B 184 16.24 12.14 19.87
C LYS B 184 17.42 13.11 19.74
N LEU B 185 18.48 12.66 19.10
CA LEU B 185 19.70 13.45 18.98
C LEU B 185 19.62 14.49 17.87
N ALA B 186 20.04 15.71 18.19
CA ALA B 186 20.06 16.81 17.24
C ALA B 186 20.80 17.99 17.88
N HIS B 187 20.63 19.18 17.32
CA HIS B 187 21.15 20.38 17.96
C HIS B 187 20.49 20.54 19.31
N LYS B 188 19.35 19.88 19.47
CA LYS B 188 18.58 19.93 20.71
C LYS B 188 18.06 18.54 21.04
N ASP B 189 18.61 17.93 22.09
CA ASP B 189 18.19 16.60 22.50
C ASP B 189 16.83 16.63 23.17
N THR B 190 16.04 15.58 22.96
CA THR B 190 14.69 15.52 23.50
C THR B 190 14.25 14.09 23.83
N LYS B 191 13.81 13.89 25.06
CA LYS B 191 13.31 12.59 25.50
C LYS B 191 12.08 12.20 24.69
N VAL B 192 12.05 10.97 24.20
CA VAL B 192 10.92 10.49 23.42
C VAL B 192 10.63 9.02 23.68
N SER B 193 9.39 8.62 23.39
CA SER B 193 9.02 7.22 23.38
C SER B 193 8.93 6.75 21.94
N ILE B 194 9.49 5.58 21.66
CA ILE B 194 9.48 5.03 20.31
C ILE B 194 8.54 3.84 20.19
N LYS B 195 7.38 4.07 19.60
CA LYS B 195 6.35 3.04 19.50
C LYS B 195 6.31 2.44 18.09
N VAL B 196 6.44 1.12 18.03
CA VAL B 196 6.45 0.42 16.75
C VAL B 196 5.14 -0.32 16.50
N GLY B 197 4.42 0.07 15.46
CA GLY B 197 3.19 -0.59 15.07
C GLY B 197 3.40 -1.41 13.82
N SER B 198 2.40 -2.21 13.46
CA SER B 198 2.48 -3.07 12.29
C SER B 198 2.52 -2.26 10.99
N THR B 199 2.01 -1.03 11.04
CA THR B 199 1.90 -0.21 9.83
C THR B 199 2.80 1.03 9.84
N ALA B 200 3.25 1.44 11.03
CA ALA B 200 4.04 2.65 11.13
C ALA B 200 4.87 2.72 12.42
N VAL B 201 5.68 3.76 12.53
CA VAL B 201 6.48 4.02 13.72
C VAL B 201 6.14 5.41 14.27
N GLN B 202 5.87 5.48 15.57
CA GLN B 202 5.52 6.74 16.21
C GLN B 202 6.52 7.14 17.29
N VAL B 203 7.08 8.34 17.17
CA VAL B 203 7.95 8.89 18.19
C VAL B 203 7.26 10.02 18.94
N THR B 204 6.93 9.76 20.20
CA THR B 204 6.21 10.71 21.03
C THR B 204 7.12 11.39 22.03
N SER B 205 7.11 12.72 22.04
CA SER B 205 7.92 13.48 23.00
C SER B 205 7.51 13.15 24.43
N ALA B 206 8.49 12.83 25.26
CA ALA B 206 8.22 12.48 26.65
C ALA B 206 8.19 13.72 27.54
N GLU B 207 8.55 14.86 26.96
CA GLU B 207 8.52 16.13 27.67
C GLU B 207 7.81 17.18 26.84
N ARG B 208 6.95 17.97 27.49
CA ARG B 208 6.16 18.99 26.80
C ARG B 208 7.00 19.99 26.03
N THR B 209 6.40 20.54 24.98
CA THR B 209 7.05 21.56 24.15
C THR B 209 6.03 22.65 23.81
N LYS B 210 6.51 23.82 23.39
CA LYS B 210 5.64 24.95 23.10
C LYS B 210 5.05 24.96 21.70
N VAL B 211 3.73 25.04 21.62
CA VAL B 211 3.03 25.20 20.35
C VAL B 211 1.89 26.21 20.50
N LEU B 212 2.02 27.34 19.82
CA LEU B 212 1.01 28.40 19.91
C LEU B 212 0.81 28.88 21.34
N GLY B 213 1.89 28.86 22.12
CA GLY B 213 1.85 29.39 23.47
C GLY B 213 1.59 28.37 24.56
N GLN B 214 1.22 27.15 24.17
CA GLN B 214 0.91 26.11 25.15
C GLN B 214 1.97 25.01 25.17
N SER B 215 2.12 24.37 26.33
CA SER B 215 3.04 23.24 26.47
C SER B 215 2.32 21.94 26.17
N VAL B 216 2.72 21.27 25.09
CA VAL B 216 2.04 20.06 24.62
C VAL B 216 3.00 18.95 24.24
N PHE B 217 2.46 17.77 24.00
CA PHE B 217 3.25 16.63 23.54
C PHE B 217 3.09 16.45 22.03
N LEU B 218 4.22 16.35 21.33
CA LEU B 218 4.19 16.10 19.90
C LEU B 218 4.24 14.60 19.61
N ASN B 219 3.69 14.20 18.48
CA ASN B 219 3.71 12.80 18.07
C ASN B 219 4.01 12.65 16.59
N ASP B 220 5.27 12.35 16.27
CA ASP B 220 5.70 12.20 14.89
C ASP B 220 5.41 10.79 14.38
N ILE B 221 4.66 10.70 13.27
CA ILE B 221 4.26 9.42 12.72
C ILE B 221 4.91 9.16 11.36
N TYR B 222 5.48 7.97 11.22
CA TYR B 222 6.13 7.57 9.97
C TYR B 222 5.67 6.19 9.53
N TYR B 223 4.85 6.14 8.48
CA TYR B 223 4.44 4.86 7.94
C TYR B 223 5.65 4.08 7.43
N ALA B 224 5.55 2.76 7.47
CA ALA B 224 6.64 1.90 7.01
C ALA B 224 7.03 2.23 5.57
N SER B 225 6.07 2.76 4.82
CA SER B 225 6.28 3.10 3.42
C SER B 225 7.21 4.31 3.27
N GLU B 226 7.29 5.11 4.31
CA GLU B 226 8.13 6.31 4.29
C GLU B 226 9.56 6.00 4.70
N ILE B 227 9.75 4.88 5.39
CA ILE B 227 11.06 4.51 5.91
C ILE B 227 11.95 3.91 4.82
N GLU B 228 12.96 4.68 4.40
CA GLU B 228 13.87 4.25 3.35
C GLU B 228 15.09 3.51 3.91
N GLU B 229 15.90 4.23 4.68
CA GLU B 229 17.10 3.63 5.26
C GLU B 229 16.98 3.44 6.76
N ILE B 230 17.42 2.28 7.24
CA ILE B 230 17.45 1.97 8.66
C ILE B 230 18.86 1.57 9.08
N CYS B 231 19.55 2.47 9.76
CA CYS B 231 20.95 2.23 10.10
C CYS B 231 21.18 2.09 11.61
N LEU B 232 21.82 0.99 11.98
CA LEU B 232 22.28 0.79 13.36
C LEU B 232 23.70 1.33 13.47
N VAL B 233 23.87 2.39 14.25
CA VAL B 233 25.15 3.06 14.35
C VAL B 233 26.01 2.49 15.48
N ASP B 234 25.44 2.40 16.68
CA ASP B 234 26.16 1.92 17.85
C ASP B 234 25.33 0.93 18.65
N GLU B 235 25.87 0.50 19.78
CA GLU B 235 25.17 -0.42 20.68
C GLU B 235 23.98 0.28 21.33
N ASN B 236 23.82 1.56 21.05
CA ASN B 236 22.76 2.35 21.66
C ASN B 236 22.37 3.56 20.82
N GLN B 237 22.46 3.42 19.50
CA GLN B 237 22.14 4.53 18.60
C GLN B 237 21.79 4.03 17.21
N PHE B 238 20.70 4.56 16.65
CA PHE B 238 20.28 4.19 15.31
C PHE B 238 19.71 5.40 14.57
N THR B 239 19.55 5.29 13.26
CA THR B 239 19.05 6.39 12.46
C THR B 239 17.95 5.94 11.51
N LEU B 240 17.05 6.87 11.17
CA LEU B 240 15.98 6.60 10.22
C LEU B 240 16.00 7.63 9.09
N THR B 241 15.95 7.15 7.85
CA THR B 241 15.86 8.03 6.69
C THR B 241 14.44 8.05 6.15
N ILE B 242 13.77 9.20 6.31
CA ILE B 242 12.39 9.33 5.87
C ILE B 242 12.31 9.90 4.45
N ALA B 243 11.47 9.28 3.63
CA ALA B 243 11.30 9.72 2.25
C ALA B 243 11.00 11.21 2.17
N ASN B 244 11.62 11.88 1.21
CA ASN B 244 11.36 13.30 0.96
C ASN B 244 11.65 14.20 2.16
N GLN B 245 12.37 13.67 3.15
CA GLN B 245 12.71 14.45 4.33
C GLN B 245 14.17 14.87 4.32
N GLY B 246 15.01 14.07 3.66
CA GLY B 246 16.41 14.41 3.49
C GLY B 246 17.27 14.15 4.72
N THR B 247 17.07 14.94 5.77
CA THR B 247 17.86 14.82 6.97
C THR B 247 17.45 13.62 7.82
N PRO B 248 18.41 12.72 8.08
CA PRO B 248 18.17 11.49 8.85
C PRO B 248 17.82 11.77 10.30
N LEU B 249 16.95 10.95 10.87
CA LEU B 249 16.61 11.05 12.29
C LEU B 249 17.53 10.16 13.09
N THR B 250 18.05 10.68 14.20
CA THR B 250 18.95 9.91 15.05
C THR B 250 18.38 9.73 16.47
N PHE B 251 18.43 8.50 16.96
CA PHE B 251 17.89 8.19 18.28
C PHE B 251 18.88 7.39 19.12
N MET B 252 18.81 7.57 20.44
CA MET B 252 19.60 6.77 21.37
C MET B 252 18.69 5.95 22.27
N HIS B 253 19.07 4.70 22.50
CA HIS B 253 18.31 3.83 23.38
C HIS B 253 19.12 2.61 23.78
N GLN B 254 18.85 2.11 24.98
CA GLN B 254 19.58 0.97 25.53
C GLN B 254 19.46 -0.24 24.63
N GLU B 255 18.31 -0.37 23.97
CA GLU B 255 18.00 -1.54 23.16
C GLU B 255 17.79 -1.18 21.69
N CYS B 256 18.73 -0.44 21.11
CA CYS B 256 18.62 -0.06 19.70
C CYS B 256 18.60 -1.27 18.78
N GLU B 257 19.25 -2.35 19.21
CA GLU B 257 19.29 -3.58 18.44
C GLU B 257 17.88 -4.17 18.30
N ALA B 258 17.10 -4.08 19.37
CA ALA B 258 15.74 -4.61 19.37
C ALA B 258 14.80 -3.67 18.62
N ILE B 259 15.05 -2.37 18.72
CA ILE B 259 14.24 -1.37 18.04
C ILE B 259 14.35 -1.49 16.51
N VAL B 260 15.59 -1.59 16.04
CA VAL B 260 15.85 -1.70 14.60
C VAL B 260 15.20 -2.94 14.01
N GLN B 261 15.44 -4.09 14.63
CA GLN B 261 14.82 -5.34 14.19
C GLN B 261 13.30 -5.19 14.09
N SER B 262 12.72 -4.57 15.10
CA SER B 262 11.27 -4.38 15.14
C SER B 262 10.78 -3.55 13.96
N ILE B 263 11.55 -2.52 13.61
CA ILE B 263 11.18 -1.62 12.52
C ILE B 263 11.42 -2.27 11.15
N ILE B 264 12.56 -2.95 11.01
CA ILE B 264 12.86 -3.66 9.78
C ILE B 264 11.75 -4.66 9.46
N HIS B 265 11.24 -5.32 10.49
CA HIS B 265 10.19 -6.30 10.34
C HIS B 265 8.93 -5.70 9.71
N ILE B 266 8.52 -4.54 10.21
CA ILE B 266 7.32 -3.88 9.70
C ILE B 266 7.53 -3.34 8.30
N ARG B 267 8.77 -2.96 7.99
CA ARG B 267 9.12 -2.50 6.65
C ARG B 267 9.09 -3.67 5.68
N THR B 268 9.42 -4.85 6.19
CA THR B 268 9.41 -6.07 5.38
C THR B 268 7.99 -6.56 5.14
N ARG B 269 7.23 -6.73 6.22
CA ARG B 269 5.85 -7.17 6.12
C ARG B 269 5.06 -6.25 5.18
N TRP B 270 5.47 -4.99 5.12
CA TRP B 270 4.84 -4.03 4.24
C TRP B 270 5.22 -4.29 2.79
N GLU B 271 6.52 -4.36 2.53
CA GLU B 271 7.03 -4.60 1.18
C GLU B 271 6.40 -5.84 0.55
N LEU B 272 6.22 -6.88 1.37
CA LEU B 272 5.61 -8.12 0.91
C LEU B 272 4.23 -7.85 0.28
N SER B 273 3.32 -7.33 1.09
CA SER B 273 1.99 -7.00 0.63
C SER B 273 1.96 -5.64 -0.07
N GLN B 274 2.44 -5.61 -1.31
CA GLN B 274 2.50 -4.36 -2.07
C GLN B 274 2.09 -4.57 -3.52
N PRO B 275 1.71 -3.47 -4.21
CA PRO B 275 1.37 -3.53 -5.64
C PRO B 275 2.60 -3.78 -6.50
N ASP B 276 2.57 -4.87 -7.26
CA ASP B 276 3.66 -5.17 -8.19
C ASP B 276 3.53 -4.31 -9.44
C48 PEV C . 11.12 -19.83 -25.59
C47 PEV C . 10.35 -18.86 -25.11
C46 PEV C . 10.27 -18.61 -23.60
C45 PEV C . 9.28 -17.54 -23.08
C44 PEV C . 7.75 -17.85 -23.19
C43 PEV C . 6.77 -16.70 -22.80
C42 PEV C . 5.23 -16.94 -22.99
C41 PEV C . 4.40 -17.32 -21.74
C40 PEV C . 3.85 -18.76 -21.63
C39 PEV C . 2.98 -19.11 -20.39
C38 PEV C . 3.68 -19.71 -19.13
C37 PEV C . 4.87 -20.67 -19.39
C36 PEV C . 6.27 -20.05 -19.60
C35 PEV C . 7.13 -20.55 -20.81
C34 PEV C . 8.34 -21.50 -20.51
C33 PEV C . 9.64 -21.31 -21.34
C32 PEV C . 10.43 -22.58 -21.75
C31 PEV C . 10.36 -23.04 -23.24
O31 PEV C . 9.46 -23.72 -23.61
O2 PEV C . 11.41 -22.70 -24.15
C2 PEV C . 12.63 -23.44 -24.12
C1 PEV C . 13.07 -23.92 -25.53
O3P PEV C . 12.09 -24.53 -26.36
P PEV C . 12.07 -24.11 -27.99
O1P PEV C . 10.76 -24.37 -28.58
O2P PEV C . 13.22 -24.99 -28.78
O4P PEV C . 12.45 -22.49 -28.10
C4 PEV C . 13.00 -21.94 -29.29
C5 PEV C . 12.76 -22.66 -30.62
N6 PEV C . 13.64 -22.31 -31.75
C3 PEV C . 13.77 -22.69 -23.36
O3 PEV C . 13.49 -21.36 -22.91
C11 PEV C . 14.55 -20.52 -22.45
O11 PEV C . 15.67 -20.91 -22.45
C12 PEV C . 14.22 -19.07 -22.00
C13 PEV C . 15.15 -18.40 -20.93
C14 PEV C . 14.51 -17.28 -20.05
C15 PEV C . 13.00 -17.43 -19.69
C16 PEV C . 12.21 -16.15 -19.31
C17 PEV C . 10.81 -15.94 -19.97
C18 PEV C . 9.57 -16.38 -19.16
C19 PEV C . 8.25 -15.61 -19.43
C20 PEV C . 7.06 -15.82 -18.44
C21 PEV C . 5.92 -14.77 -18.51
C22 PEV C . 5.58 -14.23 -19.93
C23 PEV C . 4.16 -13.70 -20.18
C24 PEV C . 3.39 -13.19 -18.94
C25 PEV C . 2.18 -12.69 -19.13
C26 PEV C . 1.60 -12.72 -20.54
NA NA D . 22.59 -32.60 -13.96
C48 PEV E . -2.03 24.09 7.15
C47 PEV E . -1.64 23.02 7.83
C46 PEV E . -2.69 22.06 8.42
C45 PEV E . -3.96 22.67 9.07
C44 PEV E . -3.80 23.37 10.44
C43 PEV E . -3.05 24.73 10.48
C42 PEV E . -2.91 25.46 11.86
C41 PEV E . -2.04 24.77 12.94
C40 PEV E . -2.73 23.81 13.96
C39 PEV E . -3.89 24.39 14.82
C38 PEV E . -5.27 24.60 14.12
C37 PEV E . -6.31 25.51 14.84
C36 PEV E . -7.49 26.05 13.98
C35 PEV E . -8.84 26.31 14.72
C34 PEV E . -10.02 26.94 13.90
C33 PEV E . -11.43 26.94 14.56
C32 PEV E . -11.70 27.96 15.71
C31 PEV E . -10.66 29.09 15.95
O31 PEV E . -9.61 28.81 16.44
O2 PEV E . -11.07 30.46 15.96
C2 PEV E . -11.32 31.17 14.74
C1 PEV E . -10.35 32.35 14.52
O3P PEV E . -10.75 33.66 14.94
P PEV E . -9.59 34.77 15.41
O1P PEV E . -8.57 34.88 14.38
O2P PEV E . -8.91 34.27 16.83
O4P PEV E . -10.30 36.26 15.64
C4 PEV E . -10.57 37.08 14.51
C5 PEV E . -11.01 36.37 13.21
N6 PEV E . -10.64 37.00 11.94
C3 PEV E . -11.52 30.26 13.48
O3 PEV E . -12.83 29.76 13.21
C11 PEV E . -13.15 29.23 11.92
O11 PEV E . -14.15 29.58 11.38
C12 PEV E . -12.34 28.03 11.36
C13 PEV E . -13.14 26.92 10.59
C14 PEV E . -12.47 25.53 10.43
C15 PEV E . -12.11 25.05 8.99
C16 PEV E . -10.75 24.32 8.80
C17 PEV E . -10.03 23.80 10.08
C18 PEV E . -8.48 23.95 10.13
C19 PEV E . -7.81 24.84 9.04
C20 PEV E . -6.46 25.51 9.37
C21 PEV E . -6.49 26.77 10.29
C22 PEV E . -7.75 27.67 10.20
C23 PEV E . -8.04 28.64 11.37
C24 PEV E . -9.14 29.70 11.17
C25 PEV E . -8.82 30.92 10.75
C26 PEV E . -9.80 32.06 10.97
P1 POP F . 13.76 27.90 18.19
O1 POP F . 15.20 27.61 17.82
O2 POP F . 13.28 29.08 17.39
O3 POP F . 13.68 28.22 19.67
O POP F . 12.85 26.61 17.86
P2 POP F . 13.42 25.10 18.06
O4 POP F . 12.95 24.61 19.41
O5 POP F . 12.90 24.21 16.96
O6 POP F . 14.93 25.10 18.07
P1 POP G . 5.19 27.58 0.32
O1 POP G . 4.63 27.22 1.68
O2 POP G . 4.97 26.44 -0.64
O3 POP G . 6.67 27.85 0.41
O POP G . 4.45 28.90 -0.23
P2 POP G . 4.02 30.09 0.76
O4 POP G . 5.27 30.87 1.12
O5 POP G . 3.03 31.02 0.06
O6 POP G . 3.38 29.54 2.01
#